data_4N5D
#
_entry.id   4N5D
#
_cell.length_a   115.075
_cell.length_b   115.075
_cell.length_c   79.070
_cell.angle_alpha   90.000
_cell.angle_beta   90.000
_cell.angle_gamma   90.000
#
_symmetry.space_group_name_H-M   'P 43 21 2'
#
loop_
_entity.id
_entity.type
_entity.pdbx_description
1 polymer Caspase-6
2 non-polymer 6-amino-2,8-dimethylpyrido[2,3-d]pyrimidin-7(8H)-one
3 non-polymer 'PHOSPHATE ION'
4 non-polymer (4S)-2-METHYL-2,4-PENTANEDIOL
5 water water
#
_entity_poly.entity_id   1
_entity_poly.type   'polypeptide(L)'
_entity_poly.pdbx_seq_one_letter_code
;MGSAFYKREMFDPAEKYKMDHRRRGIALIFNHERFFWHLTLPERRGTCADRDNLTRRFSDLGFEVKCFNDLKAEELLLKI
HEVSTVSHADADCFVCVFLSHGEGNHIYAYDAKIEIQTLTGLFKGDKCHSLVGKPKIFIIQAARGNQHDVPVIPLDVVDN
QTEKLDTNITEVDAASVYTLPAGADFLMCYSVAEGYYSHRETVNGSWYIQDLCEMLGKYGSSLEFTELLTLVNRKVSQRR
VDFCKDPSAIGKKQVPCFASMLTKKLHFFPKSNGNSHHHHHH
;
_entity_poly.pdbx_strand_id   A,B
#
loop_
_chem_comp.id
_chem_comp.type
_chem_comp.name
_chem_comp.formula
2FQ non-polymer 6-amino-2,8-dimethylpyrido[2,3-d]pyrimidin-7(8H)-one 'C9 H10 N4 O'
MPD non-polymer (4S)-2-METHYL-2,4-PENTANEDIOL 'C6 H14 O2'
PO4 non-polymer 'PHOSPHATE ION' 'O4 P -3'
#
# COMPACT_ATOMS: atom_id res chain seq x y z
N PHE A 5 -16.80 32.69 -13.47
CA PHE A 5 -15.79 31.83 -12.86
C PHE A 5 -16.23 30.36 -12.77
N TYR A 6 -15.38 29.46 -13.26
CA TYR A 6 -15.63 28.03 -13.15
C TYR A 6 -14.32 27.29 -13.24
N LYS A 7 -14.32 26.01 -12.92
CA LYS A 7 -13.09 25.24 -13.03
C LYS A 7 -12.93 24.62 -14.40
N ARG A 8 -11.94 25.11 -15.12
CA ARG A 8 -11.58 24.48 -16.38
C ARG A 8 -10.95 23.15 -16.06
N GLU A 9 -10.86 22.28 -17.05
CA GLU A 9 -10.37 20.94 -16.82
C GLU A 9 -8.86 20.90 -16.82
N MET A 10 -8.28 21.64 -15.88
CA MET A 10 -6.85 21.67 -15.67
C MET A 10 -6.52 20.74 -14.52
N PHE A 11 -5.32 20.19 -14.54
CA PHE A 11 -4.88 19.27 -13.50
C PHE A 11 -4.82 19.95 -12.14
N ASP A 12 -5.60 19.44 -11.20
CA ASP A 12 -5.73 20.04 -9.87
C ASP A 12 -5.00 19.22 -8.81
N PRO A 13 -3.90 19.76 -8.27
CA PRO A 13 -3.10 19.02 -7.28
C PRO A 13 -3.87 18.68 -6.01
N ALA A 14 -5.04 19.28 -5.80
CA ALA A 14 -5.80 19.04 -4.58
C ALA A 14 -7.17 18.42 -4.85
N GLU A 15 -7.35 17.85 -6.04
CA GLU A 15 -8.65 17.30 -6.43
C GLU A 15 -9.16 16.24 -5.44
N LYS A 16 -10.43 16.32 -5.12
CA LYS A 16 -11.07 15.41 -4.17
C LYS A 16 -12.09 14.52 -4.88
N TYR A 17 -12.28 13.30 -4.40
CA TYR A 17 -13.40 12.48 -4.84
C TYR A 17 -14.69 13.22 -4.50
N LYS A 18 -15.63 13.20 -5.42
CA LYS A 18 -16.93 13.82 -5.19
C LYS A 18 -17.71 12.99 -4.18
N MET A 19 -17.97 13.58 -3.03
CA MET A 19 -18.64 12.88 -1.95
C MET A 19 -19.99 13.52 -1.65
N ASP A 20 -20.67 13.95 -2.70
CA ASP A 20 -21.93 14.65 -2.57
C ASP A 20 -23.12 13.90 -3.15
N HIS A 21 -23.02 12.57 -3.25
CA HIS A 21 -24.14 11.75 -3.71
C HIS A 21 -25.22 11.72 -2.64
N ARG A 22 -26.40 11.18 -2.98
CA ARG A 22 -27.53 11.11 -2.03
C ARG A 22 -27.14 10.31 -0.78
N ARG A 23 -26.34 9.25 -0.94
CA ARG A 23 -25.93 8.41 0.18
C ARG A 23 -24.41 8.27 0.23
N ARG A 24 -23.88 8.10 1.44
CA ARG A 24 -22.46 7.77 1.59
C ARG A 24 -22.14 6.44 0.93
N GLY A 25 -22.98 5.45 1.17
CA GLY A 25 -22.74 4.11 0.64
C GLY A 25 -22.84 3.02 1.68
N ILE A 26 -22.55 1.79 1.25
CA ILE A 26 -22.64 0.64 2.13
C ILE A 26 -21.29 0.32 2.75
N ALA A 27 -21.29 -0.07 4.02
CA ALA A 27 -20.11 -0.66 4.64
C ALA A 27 -20.44 -2.09 5.09
N LEU A 28 -19.83 -3.06 4.47
CA LEU A 28 -19.99 -4.45 4.85
C LEU A 28 -18.97 -4.86 5.87
N ILE A 29 -19.39 -5.57 6.88
CA ILE A 29 -18.50 -6.15 7.82
C ILE A 29 -18.65 -7.67 7.93
N PHE A 30 -17.57 -8.37 7.63
CA PHE A 30 -17.59 -9.79 7.74
C PHE A 30 -16.82 -10.19 9.00
N ASN A 31 -17.54 -10.60 10.01
CA ASN A 31 -16.99 -10.85 11.33
C ASN A 31 -16.93 -12.34 11.60
N HIS A 32 -15.72 -12.84 11.85
CA HIS A 32 -15.53 -14.27 12.07
C HIS A 32 -14.87 -14.52 13.43
N GLU A 33 -15.59 -15.21 14.31
CA GLU A 33 -15.13 -15.47 15.67
C GLU A 33 -14.69 -16.93 15.86
N ARG A 34 -15.35 -17.83 15.14
CA ARG A 34 -15.10 -19.28 15.25
C ARG A 34 -14.95 -19.92 13.87
N PHE A 35 -14.32 -21.09 13.81
CA PHE A 35 -14.10 -21.75 12.53
C PHE A 35 -14.37 -23.25 12.60
N PHE A 36 -14.73 -23.85 11.46
CA PHE A 36 -14.98 -25.28 11.38
C PHE A 36 -13.73 -26.00 11.88
N TRP A 37 -13.95 -27.03 12.70
CA TRP A 37 -12.86 -27.69 13.43
C TRP A 37 -11.75 -28.24 12.53
N HIS A 38 -12.12 -28.60 11.31
CA HIS A 38 -11.17 -29.18 10.38
C HIS A 38 -10.12 -28.17 9.93
N LEU A 39 -10.44 -26.88 10.01
CA LEU A 39 -9.49 -25.84 9.63
C LEU A 39 -8.42 -25.68 10.71
N THR A 40 -8.69 -26.26 11.88
CA THR A 40 -7.83 -26.14 13.06
C THR A 40 -7.36 -24.70 13.30
N LEU A 41 -8.33 -23.79 13.42
CA LEU A 41 -8.06 -22.38 13.69
C LEU A 41 -8.59 -21.97 15.07
N PRO A 42 -7.82 -21.14 15.79
CA PRO A 42 -8.25 -20.71 17.12
C PRO A 42 -9.37 -19.68 17.05
N GLU A 43 -10.17 -19.63 18.10
CA GLU A 43 -11.23 -18.65 18.26
C GLU A 43 -10.67 -17.23 18.25
N ARG A 44 -11.50 -16.26 17.90
CA ARG A 44 -11.03 -14.88 17.84
C ARG A 44 -11.79 -13.98 18.82
N ARG A 45 -11.64 -14.25 20.11
CA ARG A 45 -12.28 -13.44 21.15
C ARG A 45 -11.86 -11.97 21.05
N GLY A 46 -12.83 -11.07 21.14
CA GLY A 46 -12.55 -9.65 21.00
C GLY A 46 -13.04 -9.07 19.69
N THR A 47 -13.31 -9.94 18.71
CA THR A 47 -13.70 -9.50 17.38
C THR A 47 -15.07 -8.83 17.40
N CYS A 48 -15.91 -9.20 18.38
CA CYS A 48 -17.23 -8.59 18.47
C CYS A 48 -17.12 -7.14 18.91
N ALA A 49 -16.11 -6.84 19.72
CA ALA A 49 -15.82 -5.45 20.08
C ALA A 49 -15.41 -4.66 18.85
N ASP A 50 -14.56 -5.28 18.03
CA ASP A 50 -14.10 -4.69 16.77
C ASP A 50 -15.29 -4.39 15.87
N ARG A 51 -16.14 -5.39 15.68
CA ARG A 51 -17.33 -5.27 14.85
C ARG A 51 -18.23 -4.11 15.31
N ASP A 52 -18.49 -4.05 16.61
CA ASP A 52 -19.37 -3.02 17.17
C ASP A 52 -18.74 -1.63 17.10
N ASN A 53 -17.44 -1.56 17.35
CA ASN A 53 -16.68 -0.32 17.26
C ASN A 53 -16.75 0.23 15.84
N LEU A 54 -16.45 -0.61 14.86
CA LEU A 54 -16.51 -0.22 13.45
C LEU A 54 -17.91 0.21 13.02
N THR A 55 -18.92 -0.51 13.46
CA THR A 55 -20.31 -0.21 13.11
C THR A 55 -20.69 1.20 13.52
N ARG A 56 -20.37 1.58 14.73
CA ARG A 56 -20.64 2.92 15.22
C ARG A 56 -19.87 4.00 14.48
N ARG A 57 -18.59 3.77 14.22
CA ARG A 57 -17.76 4.79 13.59
C ARG A 57 -18.18 5.04 12.15
N PHE A 58 -18.44 3.97 11.40
CA PHE A 58 -18.81 4.12 9.99
C PHE A 58 -20.23 4.66 9.83
N SER A 59 -21.12 4.28 10.74
CA SER A 59 -22.48 4.79 10.69
C SER A 59 -22.51 6.29 10.99
N ASP A 60 -21.67 6.73 11.92
CA ASP A 60 -21.54 8.16 12.23
C ASP A 60 -21.02 8.94 11.03
N LEU A 61 -20.28 8.25 10.16
CA LEU A 61 -19.77 8.86 8.93
C LEU A 61 -20.80 8.82 7.80
N GLY A 62 -21.97 8.29 8.10
CA GLY A 62 -23.08 8.26 7.14
C GLY A 62 -23.28 6.95 6.40
N PHE A 63 -22.41 5.98 6.67
CA PHE A 63 -22.49 4.68 5.99
C PHE A 63 -23.70 3.87 6.43
N GLU A 64 -24.23 3.10 5.49
CA GLU A 64 -25.21 2.08 5.80
C GLU A 64 -24.45 0.79 6.13
N VAL A 65 -24.40 0.44 7.41
CA VAL A 65 -23.59 -0.68 7.86
C VAL A 65 -24.36 -2.01 7.90
N LYS A 66 -23.79 -3.02 7.26
CA LYS A 66 -24.34 -4.38 7.30
C LYS A 66 -23.27 -5.35 7.79
N CYS A 67 -23.56 -6.01 8.91
CA CYS A 67 -22.66 -6.97 9.52
C CYS A 67 -23.12 -8.39 9.24
N PHE A 68 -22.17 -9.30 9.04
CA PHE A 68 -22.49 -10.71 8.89
C PHE A 68 -21.49 -11.50 9.73
N ASN A 69 -22.01 -12.38 10.58
CA ASN A 69 -21.18 -13.14 11.50
C ASN A 69 -20.97 -14.59 11.07
N ASP A 70 -19.71 -15.00 10.97
CA ASP A 70 -19.36 -16.39 10.77
C ASP A 70 -20.00 -17.05 9.56
N LEU A 71 -20.07 -16.31 8.46
CA LEU A 71 -20.63 -16.87 7.23
C LEU A 71 -19.73 -17.96 6.65
N LYS A 72 -20.35 -19.01 6.12
CA LYS A 72 -19.66 -20.01 5.34
C LYS A 72 -19.17 -19.36 4.05
N ALA A 73 -18.21 -19.99 3.37
CA ALA A 73 -17.60 -19.41 2.19
C ALA A 73 -18.62 -19.13 1.09
N GLU A 74 -19.54 -20.06 0.88
CA GLU A 74 -20.58 -19.90 -0.13
C GLU A 74 -21.52 -18.75 0.18
N GLU A 75 -21.91 -18.64 1.45
CA GLU A 75 -22.81 -17.58 1.90
C GLU A 75 -22.14 -16.22 1.75
N LEU A 76 -20.85 -16.19 2.09
CA LEU A 76 -20.04 -14.96 2.02
C LEU A 76 -19.97 -14.48 0.57
N LEU A 77 -19.56 -15.38 -0.31
CA LEU A 77 -19.44 -15.12 -1.74
C LEU A 77 -20.75 -14.63 -2.32
N LEU A 78 -21.83 -15.33 -1.97
CA LEU A 78 -23.16 -14.99 -2.46
C LEU A 78 -23.57 -13.58 -2.01
N LYS A 79 -23.30 -13.29 -0.74
CA LYS A 79 -23.73 -12.02 -0.16
C LYS A 79 -22.96 -10.86 -0.80
N ILE A 80 -21.65 -11.02 -0.92
CA ILE A 80 -20.81 -9.96 -1.48
C ILE A 80 -21.07 -9.78 -2.97
N HIS A 81 -21.47 -10.87 -3.64
CA HIS A 81 -21.85 -10.80 -5.04
C HIS A 81 -23.14 -10.01 -5.21
N GLU A 82 -24.08 -10.21 -4.31
CA GLU A 82 -25.33 -9.46 -4.32
C GLU A 82 -25.09 -7.95 -4.19
N VAL A 83 -24.16 -7.56 -3.32
CA VAL A 83 -23.84 -6.15 -3.14
C VAL A 83 -23.16 -5.57 -4.38
N SER A 84 -22.31 -6.36 -5.01
CA SER A 84 -21.55 -5.91 -6.16
C SER A 84 -22.40 -5.74 -7.42
N THR A 85 -23.58 -6.35 -7.43
CA THR A 85 -24.43 -6.31 -8.62
C THR A 85 -25.61 -5.35 -8.52
N VAL A 86 -25.85 -4.76 -7.35
CA VAL A 86 -26.85 -3.71 -7.25
C VAL A 86 -26.22 -2.38 -7.64
N SER A 87 -27.05 -1.38 -7.90
CA SER A 87 -26.57 -0.08 -8.32
C SER A 87 -26.07 0.75 -7.13
N HIS A 88 -24.86 1.29 -7.26
CA HIS A 88 -24.32 2.19 -6.25
C HIS A 88 -24.30 3.62 -6.79
N ALA A 89 -25.17 3.87 -7.78
CA ALA A 89 -25.20 5.16 -8.48
C ALA A 89 -25.44 6.32 -7.52
N ASP A 90 -26.21 6.09 -6.47
CA ASP A 90 -26.52 7.15 -5.51
C ASP A 90 -25.59 7.17 -4.29
N ALA A 91 -24.48 6.44 -4.39
CA ALA A 91 -23.50 6.35 -3.30
C ALA A 91 -22.17 7.04 -3.59
N ASP A 92 -21.52 7.54 -2.54
CA ASP A 92 -20.19 8.13 -2.64
C ASP A 92 -19.09 7.09 -2.83
N CYS A 93 -19.21 5.97 -2.12
CA CYS A 93 -18.11 5.01 -2.06
C CYS A 93 -18.60 3.70 -1.49
N PHE A 94 -17.67 2.77 -1.29
CA PHE A 94 -17.98 1.45 -0.75
C PHE A 94 -16.88 1.00 0.20
N VAL A 95 -17.29 0.42 1.33
CA VAL A 95 -16.34 -0.06 2.33
C VAL A 95 -16.62 -1.53 2.62
N CYS A 96 -15.56 -2.33 2.70
CA CYS A 96 -15.72 -3.73 3.06
C CYS A 96 -14.67 -4.14 4.07
N VAL A 97 -15.12 -4.65 5.21
CA VAL A 97 -14.21 -5.05 6.28
C VAL A 97 -14.21 -6.56 6.53
N PHE A 98 -13.03 -7.15 6.64
CA PHE A 98 -12.92 -8.56 6.99
C PHE A 98 -12.24 -8.69 8.34
N LEU A 99 -12.91 -9.36 9.27
CA LEU A 99 -12.34 -9.63 10.58
C LEU A 99 -12.28 -11.14 10.73
N SER A 100 -11.09 -11.71 10.56
CA SER A 100 -10.94 -13.16 10.54
C SER A 100 -9.46 -13.55 10.65
N HIS A 101 -9.15 -14.81 10.40
CA HIS A 101 -7.77 -15.24 10.18
C HIS A 101 -7.51 -15.26 8.68
N GLY A 102 -6.23 -15.35 8.32
CA GLY A 102 -5.86 -15.41 6.91
C GLY A 102 -4.50 -16.01 6.66
N GLU A 103 -4.22 -16.22 5.37
CA GLU A 103 -2.97 -16.81 4.91
C GLU A 103 -2.72 -16.49 3.44
N GLY A 104 -1.59 -15.85 3.16
CA GLY A 104 -1.21 -15.51 1.80
C GLY A 104 -2.22 -14.60 1.15
N ASN A 105 -2.81 -15.05 0.05
CA ASN A 105 -3.85 -14.33 -0.66
CA ASN A 105 -3.84 -14.21 -0.54
C ASN A 105 -5.25 -14.63 -0.13
N HIS A 106 -5.34 -15.39 0.95
CA HIS A 106 -6.63 -15.89 1.43
C HIS A 106 -7.10 -15.30 2.75
N ILE A 107 -8.41 -15.14 2.86
CA ILE A 107 -9.09 -14.87 4.12
C ILE A 107 -9.97 -16.08 4.43
N TYR A 108 -10.10 -16.45 5.70
CA TYR A 108 -10.96 -17.57 6.08
C TYR A 108 -12.40 -17.14 6.34
N ALA A 109 -13.34 -17.83 5.70
CA ALA A 109 -14.72 -17.81 6.14
C ALA A 109 -14.84 -18.91 7.20
N TYR A 110 -16.05 -19.27 7.56
CA TYR A 110 -16.23 -20.27 8.62
C TYR A 110 -15.64 -21.63 8.26
N ASP A 111 -15.76 -22.03 7.00
CA ASP A 111 -15.49 -23.40 6.59
C ASP A 111 -14.37 -23.55 5.58
N ALA A 112 -13.93 -22.45 4.97
CA ALA A 112 -12.94 -22.53 3.90
C ALA A 112 -12.29 -21.18 3.61
N LYS A 113 -11.18 -21.22 2.87
CA LYS A 113 -10.48 -20.01 2.44
C LYS A 113 -11.19 -19.38 1.26
N ILE A 114 -11.04 -18.06 1.15
CA ILE A 114 -11.48 -17.32 -0.03
C ILE A 114 -10.33 -16.43 -0.46
N GLU A 115 -10.06 -16.41 -1.77
CA GLU A 115 -9.04 -15.53 -2.32
C GLU A 115 -9.52 -14.09 -2.28
N ILE A 116 -8.70 -13.20 -1.76
CA ILE A 116 -9.02 -11.79 -1.68
C ILE A 116 -9.31 -11.20 -3.05
N GLN A 117 -8.50 -11.57 -4.05
CA GLN A 117 -8.67 -11.04 -5.41
C GLN A 117 -10.03 -11.36 -6.01
N THR A 118 -10.58 -12.52 -5.64
CA THR A 118 -11.93 -12.86 -6.10
C THR A 118 -12.95 -11.92 -5.45
N LEU A 119 -12.73 -11.57 -4.18
CA LEU A 119 -13.60 -10.64 -3.47
C LEU A 119 -13.55 -9.23 -4.06
N THR A 120 -12.35 -8.70 -4.25
CA THR A 120 -12.16 -7.36 -4.79
C THR A 120 -12.51 -7.30 -6.28
N GLY A 121 -12.29 -8.43 -6.96
CA GLY A 121 -12.53 -8.49 -8.39
C GLY A 121 -13.98 -8.21 -8.77
N LEU A 122 -14.90 -8.45 -7.84
CA LEU A 122 -16.32 -8.25 -8.07
C LEU A 122 -16.67 -6.78 -8.22
N PHE A 123 -15.78 -5.90 -7.77
CA PHE A 123 -16.07 -4.47 -7.77
C PHE A 123 -15.20 -3.71 -8.76
N LYS A 124 -14.43 -4.44 -9.56
CA LYS A 124 -13.61 -3.82 -10.61
C LYS A 124 -14.40 -3.38 -11.83
N GLY A 125 -14.00 -2.24 -12.39
CA GLY A 125 -14.53 -1.76 -13.66
C GLY A 125 -16.00 -1.97 -13.92
N ASP A 126 -16.32 -2.43 -15.12
CA ASP A 126 -17.71 -2.56 -15.53
C ASP A 126 -18.43 -3.77 -14.94
N LYS A 127 -17.71 -4.50 -14.10
CA LYS A 127 -18.33 -5.55 -13.33
C LYS A 127 -19.26 -4.83 -12.37
N CYS A 128 -18.80 -3.68 -11.88
CA CYS A 128 -19.60 -2.86 -10.99
C CYS A 128 -19.48 -1.42 -11.46
N HIS A 129 -20.17 -1.10 -12.56
CA HIS A 129 -20.01 0.21 -13.20
C HIS A 129 -20.30 1.39 -12.30
N SER A 130 -21.29 1.25 -11.42
CA SER A 130 -21.72 2.36 -10.59
C SER A 130 -20.71 2.71 -9.49
N LEU A 131 -19.63 1.94 -9.38
CA LEU A 131 -18.56 2.28 -8.45
C LEU A 131 -17.29 2.72 -9.15
N VAL A 132 -17.27 2.69 -10.48
CA VAL A 132 -16.10 3.14 -11.23
C VAL A 132 -15.78 4.59 -10.91
N GLY A 133 -14.53 4.87 -10.55
CA GLY A 133 -14.09 6.22 -10.21
C GLY A 133 -14.47 6.63 -8.79
N LYS A 134 -15.03 5.69 -8.03
CA LYS A 134 -15.39 5.93 -6.64
C LYS A 134 -14.49 5.10 -5.74
N PRO A 135 -14.19 5.61 -4.54
CA PRO A 135 -13.31 4.86 -3.63
C PRO A 135 -13.93 3.53 -3.19
N LYS A 136 -13.12 2.48 -3.26
CA LYS A 136 -13.51 1.17 -2.80
C LYS A 136 -12.47 0.75 -1.77
N ILE A 137 -12.90 0.73 -0.51
CA ILE A 137 -11.98 0.61 0.61
C ILE A 137 -12.18 -0.73 1.31
N PHE A 138 -11.13 -1.55 1.29
CA PHE A 138 -11.17 -2.82 2.00
C PHE A 138 -10.27 -2.73 3.22
N ILE A 139 -10.84 -3.06 4.36
CA ILE A 139 -10.10 -3.06 5.61
C ILE A 139 -9.96 -4.50 6.11
N ILE A 140 -8.72 -4.94 6.25
CA ILE A 140 -8.46 -6.33 6.55
C ILE A 140 -7.69 -6.54 7.85
N GLN A 141 -8.38 -7.10 8.83
CA GLN A 141 -7.77 -7.53 10.07
C GLN A 141 -7.74 -9.05 10.02
N ALA A 142 -6.61 -9.58 9.56
CA ALA A 142 -6.47 -11.01 9.35
C ALA A 142 -5.00 -11.38 9.40
N ALA A 143 -4.68 -12.37 10.21
CA ALA A 143 -3.31 -12.83 10.35
C ALA A 143 -3.31 -14.34 10.56
N ARG A 144 -2.21 -14.87 11.06
CA ARG A 144 -2.12 -16.33 11.21
C ARG A 144 -2.63 -16.78 12.56
N GLY A 145 -3.68 -17.60 12.54
CA GLY A 145 -4.22 -18.18 13.76
C GLY A 145 -3.22 -19.14 14.37
N ASN A 146 -2.90 -18.96 15.65
CA ASN A 146 -1.97 -19.85 16.32
C ASN A 146 -2.55 -21.27 16.39
N GLN A 147 -1.94 -22.19 15.66
CA GLN A 147 -2.48 -23.53 15.49
C GLN A 147 -2.05 -24.56 16.54
N HIS A 148 -1.90 -24.13 17.78
CA HIS A 148 -1.62 -25.07 18.85
C HIS A 148 -2.88 -25.57 19.54
N ASP A 149 -3.87 -25.88 18.68
CA ASP A 149 -5.09 -26.65 18.98
C ASP A 149 -5.16 -27.88 18.17
N VAL A 150 -5.98 -28.82 18.58
CA VAL A 150 -6.02 -30.12 17.93
C VAL A 150 -6.97 -30.17 16.75
N PRO A 151 -6.63 -30.97 15.74
CA PRO A 151 -7.57 -31.42 14.71
C PRO A 151 -8.60 -32.41 15.25
N VAL A 152 -9.36 -31.98 16.23
CA VAL A 152 -10.53 -32.69 16.65
C VAL A 152 -11.61 -31.66 16.97
N ILE A 153 -12.84 -32.08 17.02
CA ILE A 153 -13.92 -31.19 17.42
C ILE A 153 -13.86 -30.82 18.87
N PRO A 154 -14.39 -29.57 19.21
CA PRO A 154 -14.32 -29.26 20.64
C PRO A 154 -15.65 -29.51 21.32
N ASP A 166 -13.41 -13.90 32.64
CA ASP A 166 -13.44 -13.02 31.48
C ASP A 166 -12.28 -12.02 31.51
N THR A 167 -11.06 -12.55 31.57
CA THR A 167 -9.86 -11.72 31.63
C THR A 167 -9.46 -11.18 30.26
N ASN A 168 -8.90 -9.98 30.24
CA ASN A 168 -8.48 -9.36 28.98
C ASN A 168 -7.07 -9.81 28.61
N ILE A 169 -7.00 -10.81 27.73
CA ILE A 169 -5.74 -11.36 27.25
C ILE A 169 -5.40 -10.78 25.88
N THR A 170 -4.11 -10.49 25.66
CA THR A 170 -3.66 -10.04 24.34
C THR A 170 -3.06 -11.20 23.54
N GLU A 171 -3.74 -11.59 22.48
CA GLU A 171 -3.24 -12.62 21.57
C GLU A 171 -2.38 -12.00 20.47
N VAL A 172 -1.26 -12.66 20.16
CA VAL A 172 -0.32 -12.16 19.18
C VAL A 172 -0.21 -13.13 18.00
N ASP A 173 -0.51 -12.64 16.81
CA ASP A 173 -0.51 -13.47 15.60
C ASP A 173 0.48 -12.94 14.58
N ALA A 174 1.27 -13.84 14.01
CA ALA A 174 2.22 -13.46 12.97
C ALA A 174 1.47 -12.98 11.73
N ALA A 175 1.99 -11.94 11.08
CA ALA A 175 1.42 -11.49 9.81
C ALA A 175 1.48 -12.63 8.82
N SER A 176 0.44 -12.79 8.02
CA SER A 176 0.39 -13.90 7.07
C SER A 176 -0.23 -13.51 5.74
N VAL A 177 -1.02 -12.44 5.74
CA VAL A 177 -1.75 -12.04 4.54
C VAL A 177 -0.92 -11.07 3.70
N TYR A 178 -0.78 -11.38 2.42
CA TYR A 178 -0.05 -10.52 1.49
C TYR A 178 -0.77 -9.19 1.45
N THR A 179 -0.03 -8.12 1.68
CA THR A 179 -0.65 -6.82 1.78
C THR A 179 -0.67 -6.20 0.39
N LEU A 180 -1.62 -6.64 -0.42
CA LEU A 180 -1.69 -6.25 -1.82
C LEU A 180 -2.73 -5.19 -2.12
N PRO A 181 -2.55 -4.46 -3.24
CA PRO A 181 -3.53 -3.50 -3.74
C PRO A 181 -4.56 -4.25 -4.56
N ALA A 182 -5.52 -3.55 -5.17
CA ALA A 182 -6.63 -4.27 -5.77
C ALA A 182 -7.19 -3.70 -7.08
N GLY A 183 -6.62 -2.62 -7.59
CA GLY A 183 -7.14 -1.97 -8.79
C GLY A 183 -7.40 -0.49 -8.62
N ALA A 184 -7.65 0.20 -9.73
CA ALA A 184 -7.86 1.64 -9.69
C ALA A 184 -8.96 2.04 -8.71
N ASP A 185 -8.68 3.06 -7.90
CA ASP A 185 -9.60 3.58 -6.90
C ASP A 185 -9.93 2.61 -5.76
N PHE A 186 -9.13 1.55 -5.64
CA PHE A 186 -9.19 0.69 -4.46
C PHE A 186 -8.18 1.18 -3.42
N LEU A 187 -8.58 1.12 -2.16
CA LEU A 187 -7.65 1.32 -1.05
C LEU A 187 -7.68 0.07 -0.16
N MET A 188 -6.54 -0.61 -0.06
CA MET A 188 -6.46 -1.82 0.75
C MET A 188 -5.71 -1.54 2.05
N CYS A 189 -6.41 -1.70 3.17
CA CYS A 189 -5.87 -1.35 4.48
C CYS A 189 -5.61 -2.63 5.28
N TYR A 190 -4.38 -2.82 5.74
CA TYR A 190 -4.00 -4.03 6.45
C TYR A 190 -3.57 -3.78 7.89
N SER A 191 -3.99 -4.67 8.77
CA SER A 191 -3.70 -4.56 10.20
C SER A 191 -2.21 -4.70 10.51
N VAL A 192 -1.49 -5.41 9.65
CA VAL A 192 -0.10 -5.76 9.93
C VAL A 192 0.62 -6.11 8.62
N ALA A 193 1.91 -5.79 8.55
CA ALA A 193 2.73 -6.16 7.39
C ALA A 193 3.65 -7.32 7.71
N GLU A 194 4.24 -7.87 6.67
CA GLU A 194 5.09 -9.03 6.77
C GLU A 194 6.25 -8.75 7.74
N GLY A 195 6.55 -9.73 8.60
CA GLY A 195 7.63 -9.60 9.57
C GLY A 195 7.20 -9.01 10.92
N TYR A 196 5.96 -8.55 10.99
CA TYR A 196 5.40 -7.98 12.22
C TYR A 196 4.27 -8.85 12.76
N TYR A 197 3.64 -8.41 13.84
CA TYR A 197 2.64 -9.24 14.52
C TYR A 197 1.37 -8.47 14.84
N SER A 198 0.24 -9.12 14.64
CA SER A 198 -1.04 -8.50 14.95
C SER A 198 -1.47 -8.85 16.36
N HIS A 199 -2.04 -7.88 17.07
CA HIS A 199 -2.46 -8.07 18.44
C HIS A 199 -3.96 -7.90 18.55
N ARG A 200 -4.59 -8.76 19.33
CA ARG A 200 -6.00 -8.62 19.64
C ARG A 200 -6.24 -8.86 21.14
N GLU A 201 -6.87 -7.89 21.79
CA GLU A 201 -7.25 -8.05 23.19
C GLU A 201 -8.60 -8.77 23.24
N THR A 202 -8.70 -9.77 24.11
CA THR A 202 -9.89 -10.62 24.14
C THR A 202 -11.17 -9.90 24.56
N VAL A 203 -11.01 -8.78 25.27
CA VAL A 203 -12.17 -7.96 25.64
C VAL A 203 -12.25 -6.67 24.81
N ASN A 204 -11.13 -5.98 24.68
CA ASN A 204 -11.11 -4.66 24.02
C ASN A 204 -11.03 -4.71 22.49
N GLY A 205 -10.63 -5.85 21.95
CA GLY A 205 -10.51 -6.01 20.52
C GLY A 205 -9.11 -5.80 20.00
N SER A 206 -9.00 -5.76 18.67
CA SER A 206 -7.71 -5.65 17.99
C SER A 206 -7.11 -4.26 18.13
N TRP A 207 -5.78 -4.21 18.25
CA TRP A 207 -5.04 -2.95 18.32
C TRP A 207 -5.35 -2.06 17.12
N TYR A 208 -5.33 -2.68 15.94
CA TYR A 208 -5.53 -1.96 14.69
C TYR A 208 -6.92 -1.35 14.61
N ILE A 209 -7.94 -2.16 14.89
CA ILE A 209 -9.33 -1.70 14.83
C ILE A 209 -9.64 -0.67 15.92
N GLN A 210 -9.12 -0.90 17.13
CA GLN A 210 -9.30 0.06 18.23
C GLN A 210 -8.74 1.41 17.82
N ASP A 211 -7.52 1.40 17.31
CA ASP A 211 -6.84 2.63 16.92
C ASP A 211 -7.49 3.26 15.68
N LEU A 212 -7.89 2.42 14.72
CA LEU A 212 -8.61 2.90 13.54
C LEU A 212 -9.89 3.61 13.96
N CYS A 213 -10.65 2.97 14.83
CA CYS A 213 -11.90 3.54 15.30
C CYS A 213 -11.73 4.81 16.11
N GLU A 214 -10.69 4.87 16.94
CA GLU A 214 -10.43 6.08 17.72
C GLU A 214 -10.16 7.26 16.80
N MET A 215 -9.35 7.03 15.77
CA MET A 215 -9.03 8.07 14.80
C MET A 215 -10.23 8.49 13.97
N LEU A 216 -11.07 7.52 13.58
CA LEU A 216 -12.30 7.82 12.84
C LEU A 216 -13.21 8.76 13.62
N GLY A 217 -13.41 8.45 14.89
CA GLY A 217 -14.27 9.26 15.74
C GLY A 217 -13.71 10.64 15.93
N LYS A 218 -12.40 10.73 16.14
CA LYS A 218 -11.77 12.01 16.43
C LYS A 218 -11.51 12.87 15.20
N TYR A 219 -11.14 12.24 14.09
CA TYR A 219 -10.65 12.98 12.92
C TYR A 219 -11.29 12.54 11.60
N GLY A 220 -12.12 11.50 11.63
CA GLY A 220 -12.67 10.92 10.41
C GLY A 220 -13.46 11.88 9.53
N SER A 221 -14.07 12.87 10.18
CA SER A 221 -14.96 13.81 9.52
C SER A 221 -14.28 15.02 8.88
N SER A 222 -12.96 15.10 9.00
CA SER A 222 -12.20 16.18 8.37
C SER A 222 -10.91 15.74 7.67
N LEU A 223 -10.18 14.83 8.30
CA LEU A 223 -8.88 14.40 7.81
C LEU A 223 -9.01 13.58 6.53
N GLU A 224 -8.11 13.83 5.57
CA GLU A 224 -8.02 12.98 4.39
C GLU A 224 -7.74 11.56 4.88
N PHE A 225 -8.44 10.59 4.31
CA PHE A 225 -8.49 9.24 4.87
C PHE A 225 -7.13 8.52 4.92
N THR A 226 -6.30 8.71 3.90
CA THR A 226 -4.97 8.08 3.94
C THR A 226 -4.10 8.74 5.01
N GLU A 227 -4.30 10.03 5.24
CA GLU A 227 -3.64 10.72 6.33
C GLU A 227 -4.11 10.17 7.67
N LEU A 228 -5.40 9.85 7.76
CA LEU A 228 -5.93 9.21 8.97
C LEU A 228 -5.29 7.83 9.16
N LEU A 229 -5.20 7.06 8.08
CA LEU A 229 -4.56 5.75 8.13
C LEU A 229 -3.11 5.83 8.59
N THR A 230 -2.43 6.91 8.23
CA THR A 230 -1.05 7.12 8.64
C THR A 230 -0.95 7.34 10.16
N LEU A 231 -1.92 8.06 10.70
CA LEU A 231 -2.07 8.21 12.15
C LEU A 231 -2.21 6.84 12.81
N VAL A 232 -3.01 5.98 12.19
CA VAL A 232 -3.22 4.62 12.69
C VAL A 232 -1.90 3.85 12.67
N ASN A 233 -1.13 3.99 11.59
CA ASN A 233 0.21 3.42 11.52
C ASN A 233 1.04 3.84 12.73
N ARG A 234 1.05 5.14 13.02
CA ARG A 234 1.84 5.64 14.14
C ARG A 234 1.33 5.12 15.48
N LYS A 235 0.02 5.25 15.71
CA LYS A 235 -0.59 4.80 16.94
C LYS A 235 -0.29 3.33 17.23
N VAL A 236 -0.56 2.47 16.24
CA VAL A 236 -0.35 1.03 16.40
C VAL A 236 1.12 0.68 16.61
N SER A 237 1.99 1.29 15.82
CA SER A 237 3.42 0.99 15.90
C SER A 237 4.04 1.43 17.21
N GLN A 238 3.35 2.30 17.95
CA GLN A 238 3.84 2.81 19.22
C GLN A 238 3.32 2.02 20.42
N ARG A 239 2.42 1.07 20.16
CA ARG A 239 1.88 0.21 21.22
C ARG A 239 2.84 -0.87 21.71
N ARG A 240 2.88 -1.05 23.02
CA ARG A 240 3.70 -2.09 23.63
C ARG A 240 2.80 -2.96 24.52
N VAL A 241 3.13 -4.23 24.69
CA VAL A 241 2.37 -5.03 25.63
C VAL A 241 3.05 -4.82 26.98
N ASP A 242 2.28 -4.82 28.06
CA ASP A 242 2.88 -4.69 29.39
C ASP A 242 3.71 -5.94 29.47
N PHE A 243 4.99 -5.77 29.78
CA PHE A 243 5.90 -6.88 29.60
C PHE A 243 5.70 -7.95 30.68
N CYS A 244 4.84 -7.66 31.65
CA CYS A 244 4.66 -8.59 32.75
C CYS A 244 4.01 -9.83 32.15
N LYS A 245 2.97 -9.61 31.36
CA LYS A 245 2.22 -10.69 30.74
C LYS A 245 3.08 -11.59 29.87
N ASP A 246 2.82 -12.89 29.97
CA ASP A 246 3.50 -13.89 29.16
C ASP A 246 2.63 -14.16 27.93
N PRO A 247 3.04 -15.10 27.08
CA PRO A 247 4.39 -15.62 26.83
C PRO A 247 5.12 -14.99 25.65
N SER A 248 6.20 -14.26 25.90
CA SER A 248 7.05 -13.78 24.82
C SER A 248 6.37 -12.93 23.76
N ALA A 249 5.60 -11.93 24.16
CA ALA A 249 5.09 -10.94 23.22
C ALA A 249 6.09 -9.79 23.15
N ILE A 250 7.11 -9.88 24.01
CA ILE A 250 8.14 -8.86 24.12
C ILE A 250 8.82 -8.76 22.76
N GLY A 251 8.91 -7.54 22.23
CA GLY A 251 9.57 -7.33 20.96
C GLY A 251 8.72 -7.62 19.73
N LYS A 252 7.50 -8.12 19.92
CA LYS A 252 6.64 -8.40 18.78
C LYS A 252 5.84 -7.16 18.35
N LYS A 253 6.53 -6.27 17.64
CA LYS A 253 5.97 -5.00 17.21
C LYS A 253 4.90 -5.21 16.13
N GLN A 254 3.90 -4.33 16.12
CA GLN A 254 2.88 -4.32 15.08
C GLN A 254 2.96 -3.06 14.25
N VAL A 255 3.18 -3.21 12.95
CA VAL A 255 3.08 -2.06 12.07
C VAL A 255 2.11 -2.37 10.94
N PRO A 256 1.01 -1.61 10.89
CA PRO A 256 0.06 -1.84 9.80
C PRO A 256 0.55 -1.22 8.51
N CYS A 257 -0.23 -1.34 7.45
CA CYS A 257 0.12 -0.70 6.19
C CYS A 257 -1.13 -0.49 5.37
N PHE A 258 -1.05 0.36 4.36
CA PHE A 258 -2.09 0.45 3.37
C PHE A 258 -1.50 0.56 1.97
N ALA A 259 -2.20 -0.02 1.01
CA ALA A 259 -1.76 0.00 -0.37
C ALA A 259 -2.78 0.79 -1.14
N SER A 260 -2.40 1.97 -1.60
CA SER A 260 -3.35 2.86 -2.25
C SER A 260 -3.23 2.87 -3.76
N MET A 261 -4.37 2.70 -4.43
CA MET A 261 -4.48 2.99 -5.85
C MET A 261 -5.56 4.06 -6.04
N LEU A 262 -5.80 4.84 -4.99
CA LEU A 262 -6.70 5.99 -5.08
C LEU A 262 -6.06 7.02 -6.01
N THR A 263 -6.89 7.84 -6.64
CA THR A 263 -6.42 8.82 -7.61
C THR A 263 -6.75 10.25 -7.19
N LYS A 264 -7.46 10.39 -6.08
CA LYS A 264 -7.87 11.70 -5.57
C LYS A 264 -7.88 11.68 -4.04
N LYS A 265 -8.00 12.86 -3.41
CA LYS A 265 -8.11 12.95 -1.96
C LYS A 265 -9.46 12.46 -1.49
N LEU A 266 -9.48 11.70 -0.40
CA LEU A 266 -10.72 11.12 0.12
C LEU A 266 -11.06 11.74 1.48
N HIS A 267 -12.20 12.42 1.54
CA HIS A 267 -12.70 12.99 2.80
C HIS A 267 -14.08 12.47 3.12
N PHE A 268 -14.42 12.45 4.40
CA PHE A 268 -15.77 12.11 4.83
C PHE A 268 -16.39 13.27 5.60
N PHE A 269 -16.43 14.45 4.98
CA PHE A 269 -17.09 15.59 5.57
C PHE A 269 -18.57 15.22 5.76
N PRO A 270 -19.19 15.74 6.80
CA PRO A 270 -20.58 15.44 7.05
C PRO A 270 -21.42 15.81 5.86
N LYS A 271 -22.35 14.98 5.51
CA LYS A 271 -23.14 15.21 4.33
C LYS A 271 -24.22 16.29 4.54
N SER A 272 -24.46 17.12 3.56
CA SER A 272 -25.46 18.19 3.70
C SER A 272 -26.87 17.72 3.95
N MET B 10 1.56 15.10 23.70
CA MET B 10 0.17 15.03 23.29
C MET B 10 0.08 14.60 21.82
N PHE B 11 -0.86 13.71 21.51
CA PHE B 11 -0.99 13.15 20.17
C PHE B 11 -1.38 14.21 19.13
N ASP B 12 -0.52 14.38 18.13
CA ASP B 12 -0.71 15.40 17.10
C ASP B 12 -1.12 14.80 15.75
N PRO B 13 -2.37 15.02 15.33
CA PRO B 13 -2.95 14.50 14.09
C PRO B 13 -2.28 14.99 12.80
N ALA B 14 -1.46 16.05 12.89
CA ALA B 14 -0.83 16.61 11.70
C ALA B 14 0.69 16.55 11.80
N GLU B 15 1.19 15.70 12.68
CA GLU B 15 2.62 15.60 12.92
C GLU B 15 3.38 15.29 11.64
N LYS B 16 4.51 15.97 11.47
CA LYS B 16 5.36 15.81 10.31
C LYS B 16 6.68 15.18 10.71
N TYR B 17 7.28 14.42 9.80
CA TYR B 17 8.65 13.99 9.99
C TYR B 17 9.52 15.22 10.11
N LYS B 18 10.48 15.20 11.01
CA LYS B 18 11.39 16.33 11.15
C LYS B 18 12.34 16.35 9.96
N MET B 19 12.20 17.38 9.13
CA MET B 19 12.98 17.50 7.91
C MET B 19 13.90 18.71 7.99
N ASP B 20 14.48 18.93 9.16
CA ASP B 20 15.33 20.11 9.35
C ASP B 20 16.79 19.75 9.63
N HIS B 21 17.22 18.56 9.22
CA HIS B 21 18.61 18.16 9.38
C HIS B 21 19.54 18.94 8.45
N ARG B 22 20.84 18.78 8.66
CA ARG B 22 21.85 19.44 7.85
C ARG B 22 21.73 19.12 6.35
N ARG B 23 21.38 17.88 6.07
CA ARG B 23 21.23 17.39 4.70
C ARG B 23 19.87 16.73 4.44
N ARG B 24 19.36 16.83 3.22
CA ARG B 24 18.13 16.10 2.87
C ARG B 24 18.36 14.59 3.01
N GLY B 25 19.51 14.14 2.50
CA GLY B 25 19.85 12.73 2.52
C GLY B 25 20.27 12.24 1.15
N ILE B 26 20.54 10.94 1.05
CA ILE B 26 21.00 10.35 -0.20
C ILE B 26 19.84 9.78 -1.00
N ALA B 27 19.87 9.98 -2.32
CA ALA B 27 18.97 9.28 -3.23
C ALA B 27 19.80 8.42 -4.17
N LEU B 28 19.72 7.12 -4.00
CA LEU B 28 20.39 6.18 -4.87
C LEU B 28 19.52 5.83 -6.05
N ILE B 29 20.11 5.74 -7.22
CA ILE B 29 19.43 5.23 -8.37
C ILE B 29 20.18 4.09 -9.01
N PHE B 30 19.57 2.94 -9.11
CA PHE B 30 20.13 1.85 -9.82
C PHE B 30 19.43 1.72 -11.16
N ASN B 31 20.17 1.97 -12.22
CA ASN B 31 19.63 2.03 -13.58
C ASN B 31 20.10 0.85 -14.42
N HIS B 32 19.16 0.07 -14.93
CA HIS B 32 19.52 -1.11 -15.71
C HIS B 32 18.92 -1.09 -17.11
N GLU B 33 19.80 -1.02 -18.09
CA GLU B 33 19.39 -0.90 -19.50
C GLU B 33 19.61 -2.19 -20.28
N ARG B 34 20.64 -2.94 -19.92
CA ARG B 34 21.00 -4.18 -20.62
C ARG B 34 21.23 -5.27 -19.61
N PHE B 35 21.12 -6.53 -20.04
CA PHE B 35 21.30 -7.65 -19.12
C PHE B 35 22.18 -8.72 -19.75
N PHE B 36 22.84 -9.50 -18.89
CA PHE B 36 23.71 -10.59 -19.34
C PHE B 36 22.90 -11.53 -20.22
N TRP B 37 23.52 -12.01 -21.31
CA TRP B 37 22.78 -12.73 -22.35
C TRP B 37 22.06 -13.95 -21.80
N HIS B 38 22.61 -14.56 -20.76
CA HIS B 38 22.03 -15.76 -20.17
C HIS B 38 20.69 -15.51 -19.51
N LEU B 39 20.44 -14.28 -19.07
CA LEU B 39 19.17 -13.95 -18.45
C LEU B 39 18.05 -13.85 -19.47
N THR B 40 18.42 -13.77 -20.75
CA THR B 40 17.48 -13.58 -21.84
C THR B 40 16.40 -12.53 -21.56
N LEU B 41 16.86 -11.33 -21.20
CA LEU B 41 15.97 -10.20 -20.92
C LEU B 41 16.17 -9.10 -21.97
N PRO B 42 15.06 -8.46 -22.39
CA PRO B 42 15.16 -7.40 -23.39
C PRO B 42 15.73 -6.11 -22.83
N GLU B 43 16.40 -5.34 -23.68
CA GLU B 43 16.93 -4.04 -23.35
C GLU B 43 15.84 -3.07 -22.92
N ARG B 44 16.20 -2.04 -22.15
CA ARG B 44 15.23 -1.09 -21.64
C ARG B 44 15.51 0.33 -22.13
N ARG B 45 15.41 0.53 -23.44
CA ARG B 45 15.62 1.85 -24.03
C ARG B 45 14.62 2.83 -23.45
N GLY B 46 15.09 4.02 -23.09
CA GLY B 46 14.26 5.02 -22.46
C GLY B 46 14.59 5.18 -20.98
N THR B 47 15.26 4.19 -20.42
CA THR B 47 15.56 4.20 -18.99
C THR B 47 16.56 5.28 -18.59
N CYS B 48 17.43 5.70 -19.52
CA CYS B 48 18.39 6.76 -19.21
C CYS B 48 17.73 8.14 -19.14
N ALA B 49 16.65 8.31 -19.90
CA ALA B 49 15.83 9.51 -19.77
C ALA B 49 15.22 9.53 -18.37
N ASP B 50 14.76 8.37 -17.93
CA ASP B 50 14.22 8.23 -16.58
C ASP B 50 15.24 8.62 -15.52
N ARG B 51 16.44 8.04 -15.64
CA ARG B 51 17.53 8.31 -14.71
C ARG B 51 17.84 9.80 -14.63
N ASP B 52 17.95 10.45 -15.79
CA ASP B 52 18.30 11.87 -15.80
C ASP B 52 17.18 12.73 -15.23
N ASN B 53 15.94 12.38 -15.57
CA ASN B 53 14.76 13.08 -15.07
C ASN B 53 14.73 13.00 -13.54
N LEU B 54 14.86 11.79 -13.01
CA LEU B 54 14.88 11.56 -11.57
C LEU B 54 16.02 12.28 -10.86
N THR B 55 17.19 12.26 -11.46
CA THR B 55 18.36 12.91 -10.89
C THR B 55 18.08 14.39 -10.68
N ARG B 56 17.54 15.03 -11.70
CA ARG B 56 17.22 16.45 -11.65
C ARG B 56 16.19 16.76 -10.58
N ARG B 57 15.11 15.99 -10.55
CA ARG B 57 14.01 16.31 -9.65
C ARG B 57 14.44 16.11 -8.20
N PHE B 58 15.14 15.02 -7.93
CA PHE B 58 15.56 14.73 -6.56
C PHE B 58 16.67 15.67 -6.07
N SER B 59 17.57 16.05 -6.97
CA SER B 59 18.62 16.99 -6.59
C SER B 59 18.01 18.38 -6.32
N ASP B 60 16.99 18.75 -7.10
CA ASP B 60 16.27 20.00 -6.86
C ASP B 60 15.57 20.00 -5.50
N LEU B 61 15.26 18.81 -5.00
CA LEU B 61 14.67 18.67 -3.68
C LEU B 61 15.71 18.61 -2.57
N GLY B 62 16.98 18.75 -2.94
CA GLY B 62 18.07 18.79 -1.97
C GLY B 62 18.81 17.48 -1.76
N PHE B 63 18.39 16.43 -2.47
CA PHE B 63 19.04 15.12 -2.32
C PHE B 63 20.44 15.07 -2.92
N GLU B 64 21.31 14.30 -2.28
CA GLU B 64 22.59 13.96 -2.89
C GLU B 64 22.38 12.70 -3.71
N VAL B 65 22.32 12.86 -5.03
CA VAL B 65 21.95 11.76 -5.92
C VAL B 65 23.19 10.99 -6.37
N LYS B 66 23.14 9.67 -6.22
CA LYS B 66 24.20 8.81 -6.73
C LYS B 66 23.60 7.78 -7.66
N CYS B 67 24.02 7.81 -8.93
CA CYS B 67 23.51 6.88 -9.94
C CYS B 67 24.51 5.77 -10.24
N PHE B 68 23.97 4.58 -10.46
CA PHE B 68 24.77 3.44 -10.86
C PHE B 68 24.08 2.68 -12.00
N ASN B 69 24.78 2.49 -13.11
CA ASN B 69 24.30 1.85 -14.31
C ASN B 69 24.82 0.43 -14.43
N ASP B 70 23.87 -0.48 -14.59
CA ASP B 70 24.15 -1.87 -14.93
C ASP B 70 25.11 -2.59 -13.99
N LEU B 71 24.96 -2.35 -12.69
CA LEU B 71 25.78 -3.07 -11.72
C LEU B 71 25.42 -4.56 -11.71
N LYS B 72 26.44 -5.40 -11.57
CA LYS B 72 26.20 -6.81 -11.28
C LYS B 72 25.60 -6.90 -9.87
N ALA B 73 24.98 -8.02 -9.56
CA ALA B 73 24.27 -8.19 -8.28
C ALA B 73 25.20 -7.99 -7.09
N GLU B 74 26.39 -8.56 -7.17
CA GLU B 74 27.38 -8.45 -6.09
C GLU B 74 27.82 -7.00 -5.88
N GLU B 75 28.06 -6.28 -6.97
CA GLU B 75 28.46 -4.89 -6.88
C GLU B 75 27.32 -4.04 -6.31
N LEU B 76 26.10 -4.33 -6.73
CA LEU B 76 24.91 -3.61 -6.28
C LEU B 76 24.71 -3.80 -4.78
N LEU B 77 24.72 -5.05 -4.35
CA LEU B 77 24.58 -5.39 -2.93
C LEU B 77 25.66 -4.70 -2.10
N LEU B 78 26.89 -4.71 -2.62
CA LEU B 78 28.02 -4.08 -1.94
C LEU B 78 27.78 -2.58 -1.75
N LYS B 79 27.31 -1.92 -2.81
CA LYS B 79 27.07 -0.49 -2.78
C LYS B 79 25.96 -0.10 -1.83
N ILE B 80 24.86 -0.83 -1.89
CA ILE B 80 23.73 -0.49 -1.04
C ILE B 80 24.04 -0.80 0.43
N HIS B 81 24.88 -1.82 0.66
CA HIS B 81 25.31 -2.12 2.02
C HIS B 81 26.22 -1.04 2.58
N GLU B 82 27.13 -0.54 1.74
CA GLU B 82 28.03 0.54 2.13
C GLU B 82 27.23 1.78 2.52
N VAL B 83 26.19 2.08 1.75
CA VAL B 83 25.35 3.22 2.03
C VAL B 83 24.58 3.03 3.34
N SER B 84 24.14 1.81 3.58
CA SER B 84 23.37 1.49 4.78
C SER B 84 24.24 1.55 6.04
N THR B 85 25.55 1.50 5.86
CA THR B 85 26.47 1.46 6.99
C THR B 85 27.15 2.80 7.29
N VAL B 86 26.98 3.80 6.43
CA VAL B 86 27.47 5.13 6.76
C VAL B 86 26.43 5.83 7.63
N SER B 87 26.82 6.93 8.25
CA SER B 87 25.93 7.66 9.14
C SER B 87 24.94 8.53 8.38
N HIS B 88 23.66 8.40 8.72
CA HIS B 88 22.64 9.28 8.15
C HIS B 88 22.14 10.23 9.21
N ALA B 89 22.93 10.39 10.26
CA ALA B 89 22.50 11.16 11.43
C ALA B 89 22.13 12.58 11.06
N ASP B 90 22.84 13.14 10.10
CA ASP B 90 22.58 14.52 9.69
C ASP B 90 21.68 14.61 8.46
N ALA B 91 20.98 13.51 8.14
CA ALA B 91 20.10 13.49 6.99
C ALA B 91 18.63 13.41 7.42
N ASP B 92 17.75 13.97 6.60
CA ASP B 92 16.30 13.90 6.82
C ASP B 92 15.73 12.53 6.53
N CYS B 93 16.22 11.89 5.48
CA CYS B 93 15.59 10.68 4.98
C CYS B 93 16.51 9.97 3.99
N PHE B 94 15.98 8.92 3.38
CA PHE B 94 16.74 8.14 2.41
C PHE B 94 15.82 7.73 1.25
N VAL B 95 16.33 7.82 0.03
CA VAL B 95 15.58 7.43 -1.16
C VAL B 95 16.38 6.44 -1.99
N CYS B 96 15.72 5.38 -2.47
CA CYS B 96 16.38 4.42 -3.33
C CYS B 96 15.46 4.07 -4.50
N VAL B 97 15.97 4.24 -5.73
CA VAL B 97 15.17 3.99 -6.92
C VAL B 97 15.74 2.83 -7.73
N PHE B 98 14.88 1.90 -8.14
CA PHE B 98 15.30 0.81 -9.02
C PHE B 98 14.61 0.91 -10.37
N LEU B 99 15.43 0.97 -11.42
CA LEU B 99 14.94 0.98 -12.78
C LEU B 99 15.49 -0.27 -13.47
N SER B 100 14.63 -1.27 -13.64
CA SER B 100 15.05 -2.57 -14.19
C SER B 100 13.84 -3.40 -14.57
N HIS B 101 14.06 -4.68 -14.86
CA HIS B 101 12.98 -5.64 -14.95
C HIS B 101 12.89 -6.32 -13.59
N GLY B 102 11.80 -7.04 -13.35
CA GLY B 102 11.62 -7.73 -12.10
C GLY B 102 10.66 -8.90 -12.22
N GLU B 103 10.54 -9.68 -11.16
CA GLU B 103 9.66 -10.83 -11.15
C GLU B 103 9.40 -11.18 -9.68
N GLY B 104 8.13 -11.19 -9.28
CA GLY B 104 7.78 -11.55 -7.92
C GLY B 104 8.40 -10.65 -6.86
N ASN B 105 9.21 -11.24 -6.00
CA ASN B 105 9.92 -10.47 -4.98
C ASN B 105 11.30 -9.99 -5.44
N HIS B 106 11.59 -10.15 -6.73
CA HIS B 106 12.92 -9.86 -7.26
C HIS B 106 13.00 -8.71 -8.25
N ILE B 107 14.12 -8.01 -8.19
CA ILE B 107 14.53 -7.05 -9.21
C ILE B 107 15.79 -7.61 -9.85
N TYR B 108 15.95 -7.40 -11.15
CA TYR B 108 17.15 -7.90 -11.82
C TYR B 108 18.27 -6.87 -11.77
N ALA B 109 19.45 -7.33 -11.34
CA ALA B 109 20.66 -6.61 -11.62
C ALA B 109 21.12 -7.08 -13.00
N TYR B 110 22.35 -6.76 -13.38
CA TYR B 110 22.85 -7.11 -14.71
C TYR B 110 22.91 -8.62 -14.94
N ASP B 111 23.28 -9.37 -13.92
CA ASP B 111 23.62 -10.78 -14.08
C ASP B 111 22.74 -11.73 -13.27
N ALA B 112 21.93 -11.20 -12.36
CA ALA B 112 21.15 -12.04 -11.47
C ALA B 112 20.03 -11.26 -10.77
N LYS B 113 19.10 -12.00 -10.17
CA LYS B 113 18.00 -11.41 -9.41
C LYS B 113 18.48 -11.01 -8.02
N ILE B 114 17.85 -9.99 -7.45
CA ILE B 114 18.05 -9.64 -6.05
C ILE B 114 16.69 -9.47 -5.38
N GLU B 115 16.55 -10.02 -4.17
CA GLU B 115 15.34 -9.82 -3.38
C GLU B 115 15.20 -8.42 -2.87
N ILE B 116 14.03 -7.84 -3.08
CA ILE B 116 13.71 -6.50 -2.61
C ILE B 116 13.84 -6.44 -1.09
N GLN B 117 13.40 -7.50 -0.41
CA GLN B 117 13.46 -7.55 1.05
C GLN B 117 14.88 -7.48 1.57
N THR B 118 15.82 -8.03 0.80
CA THR B 118 17.23 -7.94 1.17
C THR B 118 17.67 -6.48 1.06
N LEU B 119 17.21 -5.81 0.02
CA LEU B 119 17.53 -4.41 -0.20
C LEU B 119 16.99 -3.51 0.89
N THR B 120 15.70 -3.64 1.17
CA THR B 120 15.04 -2.82 2.18
C THR B 120 15.45 -3.20 3.60
N GLY B 121 15.75 -4.47 3.84
CA GLY B 121 16.12 -4.94 5.16
C GLY B 121 17.35 -4.29 5.74
N LEU B 122 18.22 -3.82 4.85
CA LEU B 122 19.48 -3.18 5.24
C LEU B 122 19.26 -1.84 5.93
N PHE B 123 18.07 -1.29 5.76
CA PHE B 123 17.76 0.04 6.25
C PHE B 123 16.75 0.00 7.39
N LYS B 124 16.45 -1.20 7.86
CA LYS B 124 15.54 -1.39 8.98
C LYS B 124 16.25 -0.94 10.25
N GLY B 125 15.48 -0.38 11.18
CA GLY B 125 15.95 0.02 12.50
C GLY B 125 17.24 -0.54 13.06
N ASP B 126 17.32 -1.86 13.21
CA ASP B 126 18.45 -2.44 13.90
C ASP B 126 19.71 -2.50 13.03
N LYS B 127 19.51 -2.53 11.72
CA LYS B 127 20.60 -2.46 10.76
C LYS B 127 21.16 -1.06 10.51
N CYS B 128 20.26 -0.07 10.49
CA CYS B 128 20.64 1.31 10.19
C CYS B 128 20.05 2.27 11.20
N HIS B 129 20.69 2.30 12.36
CA HIS B 129 20.17 2.99 13.52
C HIS B 129 19.96 4.48 13.23
N SER B 130 20.82 5.06 12.38
CA SER B 130 20.76 6.49 12.07
C SER B 130 19.59 6.89 11.15
N LEU B 131 18.84 5.91 10.66
CA LEU B 131 17.65 6.17 9.85
C LEU B 131 16.36 5.86 10.61
N VAL B 132 16.48 5.40 11.85
CA VAL B 132 15.30 5.10 12.67
C VAL B 132 14.39 6.31 12.80
N GLY B 133 13.11 6.10 12.50
CA GLY B 133 12.13 7.17 12.61
C GLY B 133 12.18 8.14 11.46
N LYS B 134 13.01 7.84 10.46
CA LYS B 134 13.12 8.68 9.27
C LYS B 134 12.54 7.98 8.04
N PRO B 135 11.98 8.77 7.11
CA PRO B 135 11.36 8.17 5.92
C PRO B 135 12.39 7.44 5.08
N LYS B 136 12.05 6.22 4.67
CA LYS B 136 12.87 5.43 3.77
C LYS B 136 12.01 5.05 2.57
N ILE B 137 12.30 5.68 1.43
CA ILE B 137 11.43 5.64 0.28
C ILE B 137 12.07 4.88 -0.86
N PHE B 138 11.43 3.78 -1.26
CA PHE B 138 11.88 3.02 -2.40
C PHE B 138 10.90 3.21 -3.55
N ILE B 139 11.45 3.56 -4.71
CA ILE B 139 10.67 3.75 -5.93
C ILE B 139 11.07 2.69 -6.93
N ILE B 140 10.09 1.90 -7.35
CA ILE B 140 10.38 0.74 -8.17
C ILE B 140 9.67 0.76 -9.52
N GLN B 141 10.47 0.91 -10.57
CA GLN B 141 9.99 0.76 -11.93
C GLN B 141 10.55 -0.55 -12.45
N ALA B 142 9.75 -1.60 -12.33
CA ALA B 142 10.18 -2.94 -12.71
C ALA B 142 8.98 -3.81 -13.03
N ALA B 143 9.02 -4.42 -14.20
CA ALA B 143 7.95 -5.31 -14.64
C ALA B 143 8.54 -6.46 -15.43
N ARG B 144 7.71 -7.15 -16.22
CA ARG B 144 8.19 -8.34 -16.92
C ARG B 144 8.76 -8.02 -18.29
N GLY B 145 10.04 -8.34 -18.49
CA GLY B 145 10.67 -8.15 -19.78
C GLY B 145 10.05 -9.08 -20.81
N ASN B 146 9.61 -8.50 -21.92
CA ASN B 146 8.95 -9.24 -23.00
C ASN B 146 9.85 -10.29 -23.66
N GLN B 147 9.22 -11.36 -24.14
CA GLN B 147 9.94 -12.41 -24.85
C GLN B 147 9.84 -12.24 -26.36
N THR B 167 13.39 7.00 -33.08
CA THR B 167 11.93 7.04 -33.04
C THR B 167 11.42 6.62 -31.66
N ASN B 168 10.34 7.26 -31.23
CA ASN B 168 9.77 7.03 -29.92
C ASN B 168 8.78 5.87 -29.94
N ILE B 169 9.24 4.69 -29.51
CA ILE B 169 8.42 3.50 -29.45
C ILE B 169 7.93 3.28 -28.02
N THR B 170 6.68 2.86 -27.85
CA THR B 170 6.18 2.51 -26.51
C THR B 170 6.18 1.01 -26.27
N GLU B 171 7.05 0.56 -25.37
CA GLU B 171 7.10 -0.85 -24.97
C GLU B 171 6.16 -1.09 -23.79
N VAL B 172 5.41 -2.19 -23.86
CA VAL B 172 4.42 -2.51 -22.84
C VAL B 172 4.74 -3.83 -22.13
N ASP B 173 4.90 -3.76 -20.82
CA ASP B 173 5.30 -4.92 -20.01
C ASP B 173 4.23 -5.28 -18.99
N ALA B 174 3.92 -6.56 -18.87
CA ALA B 174 2.98 -7.02 -17.86
C ALA B 174 3.57 -6.79 -16.46
N ALA B 175 2.72 -6.40 -15.51
CA ALA B 175 3.14 -6.28 -14.11
C ALA B 175 3.62 -7.63 -13.60
N SER B 176 4.70 -7.64 -12.80
CA SER B 176 5.25 -8.91 -12.32
C SER B 176 5.76 -8.85 -10.89
N VAL B 177 6.08 -7.64 -10.42
CA VAL B 177 6.67 -7.47 -9.10
C VAL B 177 5.60 -7.31 -8.04
N TYR B 178 5.71 -8.10 -6.96
CA TYR B 178 4.79 -8.00 -5.83
C TYR B 178 4.88 -6.61 -5.21
N THR B 179 3.75 -5.95 -5.07
CA THR B 179 3.78 -4.58 -4.59
C THR B 179 3.68 -4.56 -3.06
N LEU B 180 4.78 -4.87 -2.38
CA LEU B 180 4.78 -5.03 -0.93
C LEU B 180 5.36 -3.85 -0.13
N PRO B 181 4.97 -3.76 1.16
CA PRO B 181 5.47 -2.76 2.10
C PRO B 181 6.78 -3.30 2.66
N ALA B 182 7.44 -2.59 3.57
CA ALA B 182 8.81 -2.96 3.94
C ALA B 182 9.21 -2.75 5.40
N GLY B 183 8.29 -2.27 6.24
CA GLY B 183 8.64 -1.99 7.61
C GLY B 183 8.31 -0.57 8.03
N ALA B 184 8.41 -0.31 9.33
CA ALA B 184 8.08 1.01 9.89
C ALA B 184 8.83 2.15 9.19
N ASP B 185 8.08 3.19 8.84
CA ASP B 185 8.63 4.38 8.17
C ASP B 185 9.20 4.13 6.77
N PHE B 186 8.88 2.97 6.19
CA PHE B 186 9.18 2.74 4.79
C PHE B 186 7.98 3.16 3.93
N LEU B 187 8.27 3.72 2.78
CA LEU B 187 7.24 3.94 1.76
C LEU B 187 7.69 3.25 0.47
N MET B 188 6.90 2.27 0.00
CA MET B 188 7.24 1.54 -1.21
C MET B 188 6.35 1.98 -2.37
N CYS B 189 6.97 2.53 -3.42
CA CYS B 189 6.24 3.11 -4.55
C CYS B 189 6.46 2.25 -5.81
N TYR B 190 5.38 1.77 -6.41
CA TYR B 190 5.48 0.88 -7.57
C TYR B 190 4.86 1.46 -8.83
N SER B 191 5.54 1.25 -9.97
CA SER B 191 5.08 1.77 -11.25
C SER B 191 3.76 1.14 -11.70
N VAL B 192 3.49 -0.07 -11.24
CA VAL B 192 2.36 -0.83 -11.76
C VAL B 192 1.92 -1.90 -10.76
N ALA B 193 0.62 -2.13 -10.70
CA ALA B 193 0.08 -3.18 -9.85
C ALA B 193 -0.34 -4.37 -10.68
N GLU B 194 -0.50 -5.49 -9.99
CA GLU B 194 -0.87 -6.75 -10.61
C GLU B 194 -2.09 -6.57 -11.48
N GLY B 195 -2.06 -7.17 -12.66
CA GLY B 195 -3.19 -7.10 -13.56
C GLY B 195 -3.11 -5.93 -14.52
N TYR B 196 -2.15 -5.03 -14.31
CA TYR B 196 -1.98 -3.91 -15.21
C TYR B 196 -0.65 -4.03 -15.95
N TYR B 197 -0.33 -3.03 -16.76
CA TYR B 197 0.84 -3.09 -17.63
C TYR B 197 1.66 -1.84 -17.52
N SER B 198 2.98 -1.99 -17.48
CA SER B 198 3.88 -0.84 -17.39
C SER B 198 4.31 -0.40 -18.79
N HIS B 199 4.38 0.91 -19.01
CA HIS B 199 4.74 1.44 -20.32
C HIS B 199 6.02 2.22 -20.26
N ARG B 200 6.87 2.03 -21.27
CA ARG B 200 8.06 2.85 -21.38
C ARG B 200 8.27 3.32 -22.82
N GLU B 201 8.41 4.63 -22.99
CA GLU B 201 8.70 5.22 -24.29
C GLU B 201 10.21 5.26 -24.48
N THR B 202 10.68 4.84 -25.64
CA THR B 202 12.12 4.69 -25.89
C THR B 202 12.88 6.01 -25.89
N VAL B 203 12.18 7.11 -26.12
CA VAL B 203 12.79 8.43 -26.06
C VAL B 203 12.40 9.18 -24.78
N ASN B 204 11.11 9.15 -24.47
CA ASN B 204 10.55 9.94 -23.38
C ASN B 204 10.70 9.32 -21.99
N GLY B 205 10.94 8.01 -21.95
CA GLY B 205 11.06 7.29 -20.70
C GLY B 205 9.75 6.63 -20.27
N SER B 206 9.74 6.08 -19.06
CA SER B 206 8.57 5.37 -18.54
C SER B 206 7.43 6.32 -18.21
N TRP B 207 6.19 5.87 -18.44
CA TRP B 207 5.01 6.65 -18.08
C TRP B 207 5.03 7.06 -16.61
N TYR B 208 5.32 6.09 -15.75
CA TYR B 208 5.32 6.31 -14.31
C TYR B 208 6.37 7.31 -13.87
N ILE B 209 7.59 7.13 -14.35
CA ILE B 209 8.70 8.01 -13.99
C ILE B 209 8.50 9.42 -14.54
N GLN B 210 7.96 9.51 -15.76
CA GLN B 210 7.65 10.81 -16.35
C GLN B 210 6.67 11.57 -15.47
N ASP B 211 5.58 10.90 -15.11
CA ASP B 211 4.51 11.55 -14.36
C ASP B 211 4.95 11.87 -12.93
N LEU B 212 5.71 10.96 -12.33
CA LEU B 212 6.29 11.20 -11.01
C LEU B 212 7.19 12.43 -11.02
N CYS B 213 8.10 12.49 -11.99
CA CYS B 213 9.02 13.62 -12.11
C CYS B 213 8.30 14.93 -12.37
N GLU B 214 7.28 14.88 -13.21
CA GLU B 214 6.51 16.09 -13.48
C GLU B 214 5.88 16.60 -12.20
N MET B 215 5.32 15.68 -11.41
CA MET B 215 4.72 16.05 -10.14
C MET B 215 5.76 16.54 -9.13
N LEU B 216 6.93 15.90 -9.12
CA LEU B 216 8.02 16.33 -8.25
C LEU B 216 8.42 17.78 -8.56
N GLY B 217 8.60 18.08 -9.84
CA GLY B 217 9.00 19.40 -10.27
C GLY B 217 7.97 20.46 -9.94
N LYS B 218 6.70 20.13 -10.13
CA LYS B 218 5.64 21.10 -9.91
C LYS B 218 5.24 21.24 -8.44
N TYR B 219 5.22 20.12 -7.72
CA TYR B 219 4.62 20.10 -6.39
C TYR B 219 5.47 19.47 -5.29
N GLY B 220 6.63 18.94 -5.65
CA GLY B 220 7.44 18.19 -4.71
C GLY B 220 7.85 18.96 -3.47
N SER B 221 8.03 20.28 -3.62
CA SER B 221 8.53 21.10 -2.52
C SER B 221 7.42 21.62 -1.61
N SER B 222 6.16 21.27 -1.90
CA SER B 222 5.05 21.75 -1.08
C SER B 222 4.07 20.67 -0.65
N LEU B 223 3.69 19.82 -1.59
CA LEU B 223 2.69 18.80 -1.35
C LEU B 223 3.20 17.66 -0.47
N GLU B 224 2.35 17.17 0.44
CA GLU B 224 2.67 15.97 1.21
C GLU B 224 2.93 14.87 0.21
N PHE B 225 3.98 14.09 0.44
CA PHE B 225 4.51 13.19 -0.58
C PHE B 225 3.55 12.08 -1.03
N THR B 226 2.79 11.50 -0.11
CA THR B 226 1.80 10.48 -0.50
C THR B 226 0.66 11.11 -1.30
N GLU B 227 0.35 12.37 -0.98
CA GLU B 227 -0.62 13.12 -1.77
C GLU B 227 -0.09 13.33 -3.20
N LEU B 228 1.19 13.60 -3.33
CA LEU B 228 1.82 13.72 -4.64
C LEU B 228 1.76 12.39 -5.39
N LEU B 229 2.07 11.31 -4.69
CA LEU B 229 2.02 9.97 -5.26
C LEU B 229 0.61 9.61 -5.76
N THR B 230 -0.40 10.11 -5.07
CA THR B 230 -1.80 9.92 -5.46
C THR B 230 -2.09 10.65 -6.78
N LEU B 231 -1.53 11.85 -6.93
CA LEU B 231 -1.58 12.58 -8.19
C LEU B 231 -0.96 11.75 -9.31
N VAL B 232 0.17 11.12 -9.00
CA VAL B 232 0.84 10.26 -9.97
C VAL B 232 -0.06 9.07 -10.34
N ASN B 233 -0.70 8.47 -9.34
CA ASN B 233 -1.70 7.42 -9.60
C ASN B 233 -2.71 7.92 -10.64
N ARG B 234 -3.23 9.11 -10.43
CA ARG B 234 -4.25 9.66 -11.32
C ARG B 234 -3.71 9.91 -12.73
N LYS B 235 -2.59 10.61 -12.82
CA LYS B 235 -1.98 10.96 -14.09
C LYS B 235 -1.72 9.71 -14.94
N VAL B 236 -1.04 8.73 -14.35
CA VAL B 236 -0.69 7.51 -15.08
C VAL B 236 -1.96 6.74 -15.49
N SER B 237 -2.91 6.61 -14.57
CA SER B 237 -4.13 5.85 -14.85
C SER B 237 -5.01 6.52 -15.90
N GLN B 238 -4.77 7.80 -16.14
CA GLN B 238 -5.53 8.55 -17.12
C GLN B 238 -4.90 8.56 -18.51
N ARG B 239 -3.72 7.99 -18.65
CA ARG B 239 -3.12 7.95 -19.98
C ARG B 239 -3.94 6.95 -20.78
N ARG B 240 -4.33 7.33 -21.99
CA ARG B 240 -5.22 6.48 -22.78
C ARG B 240 -4.49 5.34 -23.46
N VAL B 241 -5.16 4.19 -23.53
CA VAL B 241 -4.65 3.02 -24.23
C VAL B 241 -5.55 2.58 -25.38
N ASP B 242 -6.50 3.44 -25.74
CA ASP B 242 -7.45 3.15 -26.80
C ASP B 242 -6.85 3.05 -28.21
N PHE B 243 -5.94 3.96 -28.52
CA PHE B 243 -5.45 4.13 -29.90
C PHE B 243 -3.94 3.97 -30.01
N CYS B 244 -3.44 2.78 -29.72
CA CYS B 244 -2.00 2.52 -29.82
C CYS B 244 -1.53 2.31 -31.26
N LYS B 245 -0.30 2.73 -31.54
CA LYS B 245 0.33 2.49 -32.84
C LYS B 245 0.51 1.00 -33.02
N ASP B 246 0.84 0.34 -31.90
CA ASP B 246 0.95 -1.11 -31.84
C ASP B 246 -0.40 -1.63 -31.39
N PRO B 247 -1.10 -2.36 -32.26
CA PRO B 247 -2.46 -2.75 -31.93
C PRO B 247 -2.47 -3.75 -30.78
N SER B 248 -1.31 -4.37 -30.53
CA SER B 248 -1.15 -5.30 -29.41
C SER B 248 -1.36 -4.62 -28.08
N ALA B 249 -1.04 -3.33 -28.01
CA ALA B 249 -1.03 -2.60 -26.77
C ALA B 249 -2.37 -2.01 -26.32
N ILE B 250 -3.37 -2.06 -27.20
CA ILE B 250 -4.68 -1.49 -26.90
C ILE B 250 -5.34 -2.12 -25.68
N GLY B 251 -5.84 -1.28 -24.77
CA GLY B 251 -6.56 -1.75 -23.60
C GLY B 251 -5.67 -2.14 -22.44
N LYS B 252 -4.36 -2.09 -22.65
CA LYS B 252 -3.41 -2.46 -21.61
C LYS B 252 -3.13 -1.27 -20.68
N LYS B 253 -4.06 -1.04 -19.75
CA LYS B 253 -4.02 0.09 -18.84
C LYS B 253 -2.90 0.00 -17.81
N GLN B 254 -2.41 1.16 -17.40
CA GLN B 254 -1.43 1.22 -16.31
C GLN B 254 -1.96 1.95 -15.10
N VAL B 255 -1.97 1.26 -13.96
CA VAL B 255 -2.23 1.91 -12.68
C VAL B 255 -1.14 1.56 -11.68
N PRO B 256 -0.41 2.57 -11.19
CA PRO B 256 0.60 2.35 -10.16
C PRO B 256 -0.05 2.20 -8.79
N CYS B 257 0.78 2.06 -7.77
CA CYS B 257 0.30 1.96 -6.40
CA CYS B 257 0.31 1.95 -6.40
C CYS B 257 1.43 2.31 -5.45
N PHE B 258 1.08 2.61 -4.20
CA PHE B 258 2.10 2.75 -3.19
C PHE B 258 1.65 2.07 -1.91
N ALA B 259 2.61 1.51 -1.19
CA ALA B 259 2.34 0.82 0.07
C ALA B 259 3.04 1.60 1.18
N SER B 260 2.25 2.25 2.02
CA SER B 260 2.82 3.11 3.03
C SER B 260 2.85 2.50 4.41
N MET B 261 4.02 2.54 5.04
CA MET B 261 4.14 2.27 6.46
C MET B 261 4.74 3.51 7.14
N LEU B 262 4.55 4.66 6.51
CA LEU B 262 4.93 5.93 7.13
C LEU B 262 4.04 6.15 8.34
N THR B 263 4.54 6.92 9.30
CA THR B 263 3.84 7.16 10.55
C THR B 263 3.56 8.66 10.74
N LYS B 264 4.05 9.48 9.81
CA LYS B 264 3.86 10.93 9.87
C LYS B 264 3.74 11.51 8.47
N LYS B 265 3.34 12.77 8.39
CA LYS B 265 3.26 13.49 7.13
C LYS B 265 4.67 13.77 6.60
N LEU B 266 4.87 13.57 5.30
CA LEU B 266 6.17 13.78 4.70
C LEU B 266 6.18 14.94 3.71
N HIS B 267 6.97 15.96 4.01
CA HIS B 267 7.13 17.09 3.10
C HIS B 267 8.59 17.29 2.72
N PHE B 268 8.82 17.88 1.55
CA PHE B 268 10.17 18.26 1.15
C PHE B 268 10.24 19.76 0.91
N PHE B 269 9.87 20.52 1.92
CA PHE B 269 9.99 21.98 1.86
C PHE B 269 11.45 22.33 1.64
N PRO B 270 11.70 23.45 0.93
CA PRO B 270 13.08 23.88 0.66
C PRO B 270 13.87 24.06 1.95
N LYS B 271 15.09 23.53 1.97
CA LYS B 271 15.92 23.55 3.17
C LYS B 271 16.66 24.89 3.34
O 2FQ C . 4.70 -12.07 -1.26
C6 2FQ C . 4.02 -12.67 -2.09
C5 2FQ C . 4.27 -14.10 -2.43
N3 2FQ C . 5.30 -14.70 -1.79
C4 2FQ C . 3.49 -14.73 -3.33
N1 2FQ C . 2.97 -12.02 -2.72
C8 2FQ C . 2.75 -10.62 -2.38
C7 2FQ C . 2.16 -12.65 -3.65
C3 2FQ C . 2.41 -14.01 -3.96
C2 2FQ C . 1.54 -14.57 -4.90
N 2FQ C . 0.55 -13.92 -5.49
N2 2FQ C . 1.16 -11.99 -4.24
C1 2FQ C . 0.40 -12.63 -5.13
C 2FQ C . -0.69 -11.86 -5.79
P PO4 D . -6.19 -12.38 13.51
O1 PO4 D . -5.86 -13.54 12.59
O2 PO4 D . -7.22 -12.83 14.54
O3 PO4 D . -4.92 -11.91 14.20
O4 PO4 D . -6.76 -11.25 12.74
C1 MPD E . -18.92 8.78 -10.56
C2 MPD E . -19.18 10.07 -9.79
O2 MPD E . -18.52 10.02 -8.49
CM MPD E . -18.40 11.18 -10.45
C3 MPD E . -20.67 10.31 -9.59
C4 MPD E . -21.65 9.53 -10.45
O4 MPD E . -22.39 8.51 -9.85
C5 MPD E . -22.67 10.55 -10.76
P PO4 F . 10.20 -2.56 -17.12
O1 PO4 F . 10.45 -4.01 -16.76
O2 PO4 F . 8.81 -2.41 -17.71
O3 PO4 F . 11.25 -2.13 -18.13
O4 PO4 F . 10.29 -1.71 -15.89
C1 MPD G . 13.17 -1.67 12.62
C2 MPD G . 11.69 -1.92 12.22
O2 MPD G . 11.58 -3.28 11.65
CM MPD G . 10.63 -1.75 13.37
C3 MPD G . 11.22 -0.89 11.24
C4 MPD G . 12.27 0.13 10.89
O4 MPD G . 11.89 0.62 9.63
C5 MPD G . 12.27 1.31 11.87
#